data_5G6L
#
_entry.id   5G6L
#
_cell.length_a   80.710
_cell.length_b   94.390
_cell.length_c   61.260
_cell.angle_alpha   90.00
_cell.angle_beta   90.00
_cell.angle_gamma   90.00
#
_symmetry.space_group_name_H-M   'P 21 21 2'
#
loop_
_entity.id
_entity.type
_entity.pdbx_description
1 polymer 'NITRIC OXIDE SYNTHASE OXYGENASE'
2 non-polymer 'PROTOPORPHYRIN IX CONTAINING FE'
3 non-polymer 5,6,7,8-TETRAHYDROBIOPTERIN
4 non-polymer 'CHLORIDE ION'
5 non-polymer 7-[[4-chloranyl-3-(methylaminomethyl)phenoxy]methyl]quinolin-2-amine
6 non-polymer GLYCEROL
7 water water
#
_entity_poly.entity_id   1
_entity_poly.type   'polypeptide(L)'
_entity_poly.pdbx_seq_one_letter_code
;MEEKEILWNEAKAFIAACYQELGKAAEVKDRLADIKSEIDLTGSYVHTKEELEHGAKMAWRNSNRCIGRLFWNSLNVIDR
RDVRTKEEVRDALFHHIETATNNGKIRPTITIFPPEEKGEKQVEIWNHQLIRYAGYESDGERIGDPASCSLTAACEELGW
RGERTDFDLLPLIFRMKGDEQPVWYELPRSLVIEVPITHPDIEAFSDLELKWYGVPIISDMKLEVGGIHYNAAPFNGWYM
GTEIGARNLADEKRYDKLKKVASVIGIAADYNTDLWKDQALVELNKAVLHSYKKQGVSIVDHHTAASQFKRFEEQAEEAG
RKLTGDWTWLIPPISPAATHIFHRSYDNSIVKPNYFYQDKPYE
;
_entity_poly.pdbx_strand_id   A
#
loop_
_chem_comp.id
_chem_comp.type
_chem_comp.name
_chem_comp.formula
CL non-polymer 'CHLORIDE ION' 'Cl -1'
GOL non-polymer GLYCEROL 'C3 H8 O3'
H4B non-polymer 5,6,7,8-TETRAHYDROBIOPTERIN 'C9 H15 N5 O3'
HEM non-polymer 'PROTOPORPHYRIN IX CONTAINING FE' 'C34 H32 Fe N4 O4'
XEB non-polymer 7-[[4-chloranyl-3-(methylaminomethyl)phenoxy]methyl]quinolin-2-amine 'C18 H18 Cl N3 O'
#
# COMPACT_ATOMS: atom_id res chain seq x y z
N GLU A 2 -28.56 17.53 -1.84
CA GLU A 2 -28.67 16.24 -2.52
C GLU A 2 -27.48 15.34 -2.19
N GLU A 3 -26.47 15.90 -1.56
CA GLU A 3 -25.30 15.14 -1.13
C GLU A 3 -25.53 14.57 0.26
N LYS A 4 -26.32 15.30 1.05
CA LYS A 4 -26.60 14.95 2.44
C LYS A 4 -27.53 13.75 2.56
N GLU A 5 -27.96 13.22 1.41
CA GLU A 5 -28.75 12.01 1.37
C GLU A 5 -27.89 10.83 0.93
N ILE A 6 -26.83 11.14 0.19
CA ILE A 6 -25.83 10.14 -0.19
C ILE A 6 -24.99 9.80 1.03
N LEU A 7 -24.47 10.84 1.67
CA LEU A 7 -23.64 10.72 2.88
C LEU A 7 -24.41 10.09 4.04
N TRP A 8 -25.71 10.38 4.12
CA TRP A 8 -26.55 9.89 5.20
C TRP A 8 -26.91 8.42 5.04
N ASN A 9 -27.16 7.99 3.80
CA ASN A 9 -27.55 6.60 3.54
C ASN A 9 -26.40 5.62 3.65
N GLU A 10 -25.18 6.10 3.44
CA GLU A 10 -23.97 5.30 3.63
C GLU A 10 -23.49 5.38 5.09
N ALA A 11 -23.99 6.38 5.81
CA ALA A 11 -23.70 6.51 7.24
C ALA A 11 -24.66 5.64 8.05
N LYS A 12 -25.88 5.51 7.56
CA LYS A 12 -26.86 4.58 8.15
C LYS A 12 -26.32 3.16 8.05
N ALA A 13 -25.86 2.79 6.86
CA ALA A 13 -25.30 1.46 6.62
C ALA A 13 -24.08 1.18 7.49
N PHE A 14 -23.15 2.14 7.51
CA PHE A 14 -21.88 1.95 8.22
C PHE A 14 -22.03 1.83 9.73
N ILE A 15 -22.67 2.82 10.35
CA ILE A 15 -22.86 2.82 11.80
C ILE A 15 -23.56 1.55 12.27
N ALA A 16 -24.66 1.19 11.59
CA ALA A 16 -25.41 0.00 11.91
C ALA A 16 -24.52 -1.25 11.91
N ALA A 17 -23.71 -1.39 10.88
CA ALA A 17 -22.82 -2.55 10.75
C ALA A 17 -21.62 -2.49 11.70
N CYS A 18 -21.06 -1.29 11.87
CA CYS A 18 -19.88 -1.11 12.72
C CYS A 18 -20.19 -1.38 14.20
N TYR A 19 -21.24 -0.74 14.70
CA TYR A 19 -21.66 -0.94 16.08
C TYR A 19 -22.14 -2.36 16.32
N GLN A 20 -22.64 -3.01 15.27
CA GLN A 20 -23.10 -4.39 15.37
C GLN A 20 -21.93 -5.34 15.67
N GLU A 21 -20.78 -5.07 15.05
CA GLU A 21 -19.60 -5.89 15.22
C GLU A 21 -18.87 -5.61 16.54
N LEU A 22 -19.00 -4.39 17.06
CA LEU A 22 -18.35 -4.03 18.31
C LEU A 22 -19.21 -4.39 19.52
N GLY A 23 -20.45 -4.81 19.26
CA GLY A 23 -21.36 -5.17 20.32
C GLY A 23 -22.09 -3.97 20.89
N LYS A 24 -22.11 -2.87 20.13
CA LYS A 24 -22.77 -1.64 20.56
C LYS A 24 -24.01 -1.34 19.71
N ALA A 25 -24.81 -2.38 19.46
CA ALA A 25 -26.00 -2.25 18.60
C ALA A 25 -27.07 -1.34 19.21
N ALA A 26 -27.13 -1.30 20.53
CA ALA A 26 -28.09 -0.44 21.23
C ALA A 26 -27.76 1.03 21.04
N GLU A 27 -26.47 1.34 21.01
CA GLU A 27 -25.98 2.70 20.88
C GLU A 27 -26.11 3.25 19.45
N VAL A 28 -26.56 2.40 18.54
CA VAL A 28 -26.78 2.77 17.15
C VAL A 28 -27.79 3.91 16.98
N LYS A 29 -28.96 3.77 17.61
CA LYS A 29 -30.07 4.70 17.39
C LYS A 29 -29.75 6.16 17.73
N ASP A 30 -29.11 6.39 18.87
CA ASP A 30 -28.86 7.75 19.34
C ASP A 30 -27.57 8.34 18.78
N ARG A 31 -26.80 7.50 18.08
CA ARG A 31 -25.62 7.97 17.36
C ARG A 31 -26.03 8.40 15.95
N LEU A 32 -26.91 7.63 15.34
CA LEU A 32 -27.48 7.95 14.02
C LEU A 32 -28.24 9.28 14.05
N ALA A 33 -29.03 9.49 15.11
CA ALA A 33 -29.78 10.72 15.29
C ALA A 33 -28.87 11.93 15.23
N ASP A 34 -27.84 11.93 16.06
CA ASP A 34 -26.86 13.01 16.11
C ASP A 34 -26.23 13.29 14.74
N ILE A 35 -25.90 12.21 14.01
CA ILE A 35 -25.34 12.32 12.67
C ILE A 35 -26.30 13.03 11.73
N LYS A 36 -27.57 12.64 11.77
CA LYS A 36 -28.59 13.31 10.96
C LYS A 36 -28.65 14.79 11.28
N SER A 37 -28.48 15.13 12.56
CA SER A 37 -28.43 16.53 12.98
C SER A 37 -27.16 17.18 12.45
N GLU A 38 -26.01 16.55 12.73
CA GLU A 38 -24.71 17.08 12.32
C GLU A 38 -24.61 17.28 10.81
N ILE A 39 -25.03 16.27 10.04
CA ILE A 39 -25.06 16.38 8.57
C ILE A 39 -25.92 17.57 8.12
N ASP A 40 -27.14 17.65 8.62
CA ASP A 40 -28.04 18.75 8.29
C ASP A 40 -27.43 20.13 8.57
N LEU A 41 -26.84 20.30 9.75
CA LEU A 41 -26.33 21.60 10.17
C LEU A 41 -24.87 21.89 9.80
N THR A 42 -24.11 20.86 9.45
CA THR A 42 -22.70 21.05 9.06
C THR A 42 -22.34 20.53 7.66
N GLY A 43 -23.22 19.75 7.06
CA GLY A 43 -22.95 19.23 5.72
C GLY A 43 -22.16 17.93 5.75
N SER A 44 -21.66 17.57 6.93
CA SER A 44 -20.89 16.35 7.12
C SER A 44 -21.00 15.89 8.56
N TYR A 45 -20.27 14.82 8.89
CA TYR A 45 -20.18 14.37 10.29
C TYR A 45 -18.77 13.87 10.61
N VAL A 46 -18.50 13.68 11.89
CA VAL A 46 -17.15 13.31 12.33
C VAL A 46 -17.17 11.96 13.05
N HIS A 47 -16.26 11.07 12.66
CA HIS A 47 -16.16 9.76 13.28
C HIS A 47 -15.51 9.83 14.67
N THR A 48 -15.92 8.90 15.53
CA THR A 48 -15.27 8.73 16.82
C THR A 48 -13.98 7.96 16.60
N LYS A 49 -13.15 7.88 17.63
CA LYS A 49 -11.91 7.12 17.55
C LYS A 49 -12.20 5.67 17.15
N GLU A 50 -13.27 5.11 17.71
CA GLU A 50 -13.59 3.70 17.50
C GLU A 50 -14.20 3.41 16.12
N GLU A 51 -15.04 4.32 15.64
CA GLU A 51 -15.65 4.17 14.31
C GLU A 51 -14.58 4.25 13.23
N LEU A 52 -13.73 5.26 13.32
CA LEU A 52 -12.65 5.45 12.36
C LEU A 52 -11.66 4.28 12.39
N GLU A 53 -11.29 3.86 13.59
CA GLU A 53 -10.37 2.74 13.77
C GLU A 53 -10.96 1.46 13.18
N HIS A 54 -12.20 1.15 13.52
CA HIS A 54 -12.85 -0.04 13.01
C HIS A 54 -13.13 0.08 11.51
N GLY A 55 -13.64 1.24 11.10
CA GLY A 55 -13.96 1.50 9.70
C GLY A 55 -12.77 1.34 8.78
N ALA A 56 -11.58 1.62 9.29
CA ALA A 56 -10.36 1.46 8.51
C ALA A 56 -9.92 0.00 8.47
N LYS A 57 -10.31 -0.77 9.49
CA LYS A 57 -10.05 -2.21 9.50
C LYS A 57 -11.05 -2.94 8.60
N MET A 58 -12.29 -2.45 8.57
CA MET A 58 -13.32 -3.01 7.70
C MET A 58 -12.98 -2.73 6.23
N ALA A 59 -12.32 -1.61 5.99
CA ALA A 59 -11.92 -1.23 4.63
C ALA A 59 -10.86 -2.17 4.09
N TRP A 60 -9.93 -2.56 4.95
CA TRP A 60 -8.88 -3.51 4.62
C TRP A 60 -9.50 -4.88 4.36
N ARG A 61 -10.49 -5.24 5.18
CA ARG A 61 -11.14 -6.55 5.09
C ARG A 61 -11.88 -6.72 3.77
N ASN A 62 -12.33 -5.62 3.18
CA ASN A 62 -13.12 -5.68 1.95
C ASN A 62 -12.30 -5.41 0.69
N SER A 63 -10.97 -5.37 0.84
CA SER A 63 -10.09 -5.21 -0.30
C SER A 63 -9.94 -6.53 -1.06
N ASN A 64 -10.71 -6.67 -2.14
CA ASN A 64 -10.75 -7.91 -2.90
C ASN A 64 -9.40 -8.37 -3.47
N ARG A 65 -8.45 -7.43 -3.59
CA ARG A 65 -7.17 -7.72 -4.22
C ARG A 65 -6.06 -8.01 -3.21
N CYS A 66 -6.37 -7.83 -1.93
CA CYS A 66 -5.38 -8.09 -0.89
C CYS A 66 -5.42 -9.53 -0.41
N ILE A 67 -4.26 -10.18 -0.43
CA ILE A 67 -4.13 -11.56 -0.01
C ILE A 67 -3.78 -11.64 1.47
N GLY A 68 -3.43 -10.51 2.07
CA GLY A 68 -2.97 -10.49 3.45
C GLY A 68 -4.02 -10.03 4.44
N ARG A 69 -5.29 -10.20 4.09
CA ARG A 69 -6.38 -9.69 4.90
C ARG A 69 -6.68 -10.46 6.20
N LEU A 70 -5.91 -11.51 6.48
CA LEU A 70 -6.14 -12.29 7.70
C LEU A 70 -5.96 -11.42 8.95
N PHE A 71 -5.03 -10.48 8.86
CA PHE A 71 -4.67 -9.66 10.01
C PHE A 71 -5.36 -8.29 9.99
N TRP A 72 -6.54 -8.24 9.37
CA TRP A 72 -7.30 -7.00 9.24
C TRP A 72 -7.62 -6.33 10.58
N ASN A 73 -7.72 -7.13 11.63
CA ASN A 73 -8.12 -6.61 12.95
C ASN A 73 -6.94 -6.11 13.80
N SER A 74 -5.72 -6.42 13.38
CA SER A 74 -4.54 -5.96 14.11
C SER A 74 -3.94 -4.69 13.52
N LEU A 75 -4.69 -4.05 12.62
CA LEU A 75 -4.25 -2.82 11.98
C LEU A 75 -4.07 -1.68 12.99
N ASN A 76 -2.89 -1.08 13.02
CA ASN A 76 -2.59 0.05 13.90
C ASN A 76 -3.06 1.36 13.28
N VAL A 77 -4.12 1.95 13.81
CA VAL A 77 -4.71 3.14 13.22
C VAL A 77 -4.32 4.44 13.94
N ILE A 78 -3.48 5.25 13.28
CA ILE A 78 -3.06 6.53 13.84
C ILE A 78 -3.98 7.66 13.37
N ASP A 79 -4.64 8.31 14.32
CA ASP A 79 -5.61 9.36 14.01
C ASP A 79 -4.97 10.74 13.96
N ARG A 80 -4.66 11.22 12.75
CA ARG A 80 -4.11 12.56 12.59
C ARG A 80 -5.07 13.51 11.86
N ARG A 81 -6.34 13.52 12.28
CA ARG A 81 -7.36 14.39 11.69
C ARG A 81 -7.22 15.82 12.19
N ASP A 82 -6.28 16.04 13.10
CA ASP A 82 -6.10 17.32 13.76
C ASP A 82 -5.06 18.21 13.08
N VAL A 83 -4.30 17.64 12.14
CA VAL A 83 -3.22 18.38 11.48
C VAL A 83 -3.74 19.55 10.63
N ARG A 84 -2.98 20.63 10.60
CA ARG A 84 -3.38 21.85 9.91
C ARG A 84 -2.24 22.44 9.09
N THR A 85 -1.01 22.02 9.39
CA THR A 85 0.17 22.60 8.76
C THR A 85 1.06 21.57 8.06
N LYS A 86 1.87 22.05 7.10
CA LYS A 86 2.79 21.22 6.33
C LYS A 86 3.79 20.49 7.22
N GLU A 87 4.21 21.15 8.29
CA GLU A 87 5.17 20.57 9.21
C GLU A 87 4.56 19.43 10.01
N GLU A 88 3.27 19.57 10.36
CA GLU A 88 2.54 18.51 11.05
C GLU A 88 2.35 17.29 10.14
N VAL A 89 1.94 17.55 8.90
CA VAL A 89 1.77 16.49 7.92
C VAL A 89 3.09 15.75 7.68
N ARG A 90 4.14 16.51 7.41
CA ARG A 90 5.48 15.95 7.18
C ARG A 90 5.92 15.08 8.35
N ASP A 91 5.78 15.61 9.57
CA ASP A 91 6.18 14.90 10.76
C ASP A 91 5.30 13.68 11.03
N ALA A 92 4.02 13.79 10.68
CA ALA A 92 3.10 12.65 10.77
C ALA A 92 3.54 11.54 9.82
N LEU A 93 3.91 11.94 8.60
CA LEU A 93 4.41 11.01 7.60
C LEU A 93 5.75 10.40 8.03
N PHE A 94 6.60 11.22 8.62
CA PHE A 94 7.88 10.75 9.17
C PHE A 94 7.65 9.73 10.27
N HIS A 95 6.75 10.06 11.19
CA HIS A 95 6.43 9.18 12.30
C HIS A 95 5.84 7.85 11.83
N HIS A 96 4.94 7.92 10.85
CA HIS A 96 4.32 6.72 10.29
C HIS A 96 5.40 5.76 9.80
N ILE A 97 6.30 6.28 8.97
CA ILE A 97 7.43 5.49 8.47
C ILE A 97 8.21 4.85 9.62
N GLU A 98 8.44 5.62 10.68
CA GLU A 98 9.22 5.15 11.82
C GLU A 98 8.49 4.07 12.62
N THR A 99 7.20 4.29 12.92
CA THR A 99 6.43 3.34 13.72
C THR A 99 6.05 2.09 12.94
N ALA A 100 5.76 2.24 11.65
CA ALA A 100 5.40 1.10 10.82
C ALA A 100 6.60 0.19 10.59
N THR A 101 7.78 0.79 10.43
CA THR A 101 9.00 0.03 10.23
C THR A 101 9.36 -0.76 11.48
N ASN A 102 9.27 -0.10 12.64
CA ASN A 102 9.50 -0.74 13.94
C ASN A 102 10.80 -1.54 13.99
N ASN A 103 11.90 -0.93 13.54
CA ASN A 103 13.21 -1.57 13.47
C ASN A 103 13.26 -2.82 12.59
N GLY A 104 12.24 -3.05 11.78
CA GLY A 104 12.22 -4.21 10.91
C GLY A 104 11.09 -5.17 11.19
N LYS A 105 10.59 -5.18 12.43
CA LYS A 105 9.42 -5.98 12.75
C LYS A 105 8.20 -5.16 12.34
N ILE A 106 7.97 -5.12 11.03
CA ILE A 106 6.97 -4.23 10.42
C ILE A 106 5.57 -4.33 11.05
N ARG A 107 4.99 -3.18 11.33
CA ARG A 107 3.68 -3.07 11.97
C ARG A 107 2.69 -2.45 11.00
N PRO A 108 1.69 -3.25 10.57
CA PRO A 108 0.63 -2.73 9.69
C PRO A 108 -0.02 -1.51 10.32
N THR A 109 0.17 -0.35 9.68
CA THR A 109 -0.25 0.92 10.24
C THR A 109 -0.96 1.77 9.18
N ILE A 110 -1.91 2.60 9.61
CA ILE A 110 -2.49 3.60 8.73
C ILE A 110 -2.60 4.95 9.44
N THR A 111 -2.03 5.99 8.84
CA THR A 111 -2.16 7.35 9.36
C THR A 111 -3.30 8.02 8.59
N ILE A 112 -4.24 8.59 9.33
CA ILE A 112 -5.43 9.16 8.72
C ILE A 112 -5.51 10.68 8.88
N PHE A 113 -5.46 11.39 7.76
CA PHE A 113 -5.47 12.86 7.76
C PHE A 113 -6.91 13.35 7.59
N PRO A 114 -7.16 14.67 7.79
CA PRO A 114 -8.51 15.21 7.59
C PRO A 114 -9.10 14.85 6.23
N PRO A 115 -10.37 14.42 6.20
CA PRO A 115 -11.02 14.00 4.95
C PRO A 115 -11.44 15.21 4.12
N GLU A 116 -11.90 14.97 2.90
CA GLU A 116 -12.39 16.04 2.04
C GLU A 116 -13.58 16.73 2.72
N GLU A 117 -13.64 18.06 2.63
CA GLU A 117 -14.77 18.79 3.16
C GLU A 117 -15.90 18.85 2.14
N LYS A 118 -15.81 19.80 1.21
CA LYS A 118 -16.77 19.92 0.13
C LYS A 118 -16.20 19.26 -1.13
N GLY A 119 -15.56 18.11 -0.95
CA GLY A 119 -14.85 17.46 -2.04
C GLY A 119 -13.44 18.00 -2.12
N GLU A 120 -13.22 19.13 -1.44
CA GLU A 120 -11.91 19.76 -1.36
C GLU A 120 -10.98 19.00 -0.44
N LYS A 121 -9.79 18.67 -0.94
CA LYS A 121 -8.79 17.98 -0.15
C LYS A 121 -8.05 18.92 0.80
N GLN A 122 -8.03 18.56 2.08
CA GLN A 122 -7.27 19.31 3.07
C GLN A 122 -5.79 19.10 2.82
N VAL A 123 -5.42 17.85 2.61
CA VAL A 123 -4.07 17.48 2.21
C VAL A 123 -4.18 16.68 0.91
N GLU A 124 -3.12 16.72 0.10
CA GLU A 124 -3.12 16.07 -1.20
C GLU A 124 -1.76 15.45 -1.45
N ILE A 125 -1.63 14.18 -1.11
CA ILE A 125 -0.35 13.46 -1.22
C ILE A 125 -0.07 13.02 -2.66
N TRP A 126 1.11 13.35 -3.16
CA TRP A 126 1.47 13.06 -4.55
C TRP A 126 2.22 11.75 -4.68
N ASN A 127 2.85 11.31 -3.60
CA ASN A 127 3.58 10.05 -3.61
C ASN A 127 2.65 8.84 -3.82
N HIS A 128 3.10 7.88 -4.62
CA HIS A 128 2.39 6.61 -4.73
C HIS A 128 2.67 5.83 -3.44
N GLN A 129 3.94 5.82 -3.05
CA GLN A 129 4.35 5.30 -1.75
C GLN A 129 5.25 6.34 -1.08
N LEU A 130 5.23 6.38 0.25
CA LEU A 130 6.07 7.32 0.99
C LEU A 130 7.56 7.05 0.74
N ILE A 131 7.90 5.77 0.59
CA ILE A 131 9.24 5.41 0.16
C ILE A 131 9.20 4.77 -1.22
N ARG A 132 9.75 5.47 -2.22
CA ARG A 132 9.89 4.90 -3.56
C ARG A 132 11.11 5.46 -4.28
N TYR A 133 11.66 4.68 -5.19
CA TYR A 133 12.83 5.08 -5.95
C TYR A 133 12.45 5.94 -7.15
N ALA A 134 13.29 6.93 -7.46
CA ALA A 134 13.06 7.81 -8.62
C ALA A 134 13.32 7.08 -9.92
N GLY A 135 12.82 7.64 -11.02
CA GLY A 135 13.03 7.08 -12.34
C GLY A 135 13.28 8.15 -13.37
N TYR A 136 14.24 7.90 -14.25
CA TYR A 136 14.60 8.87 -15.27
C TYR A 136 14.72 8.21 -16.63
N GLU A 137 14.15 8.86 -17.65
CA GLU A 137 14.43 8.48 -19.03
C GLU A 137 14.50 9.71 -19.92
N SER A 138 15.66 9.87 -20.56
CA SER A 138 15.92 11.01 -21.41
C SER A 138 17.11 10.70 -22.31
N ASP A 139 16.92 10.83 -23.62
CA ASP A 139 17.99 10.61 -24.60
C ASP A 139 18.59 9.21 -24.47
N GLY A 140 17.77 8.18 -24.68
CA GLY A 140 18.22 6.80 -24.64
C GLY A 140 18.64 6.30 -23.27
N GLU A 141 18.67 7.19 -22.29
CA GLU A 141 19.07 6.82 -20.93
C GLU A 141 17.88 6.28 -20.15
N ARG A 142 18.13 5.26 -19.33
CA ARG A 142 17.06 4.65 -18.54
C ARG A 142 17.57 4.32 -17.14
N ILE A 143 17.43 5.28 -16.23
CA ILE A 143 17.94 5.15 -14.87
C ILE A 143 16.79 5.02 -13.86
N GLY A 144 16.95 4.14 -12.88
CA GLY A 144 15.99 4.01 -11.80
C GLY A 144 14.71 3.28 -12.18
N ASP A 145 13.61 3.67 -11.54
CA ASP A 145 12.33 2.99 -11.68
C ASP A 145 11.39 3.73 -12.61
N PRO A 146 11.16 3.18 -13.81
CA PRO A 146 10.32 3.80 -14.85
C PRO A 146 8.91 4.10 -14.34
N ALA A 147 8.45 3.34 -13.37
CA ALA A 147 7.15 3.58 -12.74
C ALA A 147 7.11 4.97 -12.10
N SER A 148 8.26 5.44 -11.64
CA SER A 148 8.35 6.74 -10.98
C SER A 148 8.84 7.85 -11.90
N CYS A 149 8.75 7.64 -13.21
CA CYS A 149 9.27 8.62 -14.17
C CYS A 149 8.55 9.97 -14.14
N SER A 150 7.22 9.94 -14.14
CA SER A 150 6.43 11.18 -14.22
C SER A 150 6.37 11.97 -12.91
N LEU A 151 6.37 11.26 -11.77
CA LEU A 151 6.45 11.94 -10.47
C LEU A 151 7.83 12.57 -10.29
N THR A 152 8.87 11.84 -10.69
CA THR A 152 10.24 12.33 -10.64
C THR A 152 10.39 13.62 -11.44
N ALA A 153 9.93 13.60 -12.68
CA ALA A 153 9.96 14.78 -13.54
C ALA A 153 9.15 15.91 -12.91
N ALA A 154 8.06 15.56 -12.24
CA ALA A 154 7.21 16.54 -11.57
C ALA A 154 7.88 17.13 -10.33
N CYS A 155 8.72 16.34 -9.67
CA CYS A 155 9.49 16.82 -8.53
C CYS A 155 10.63 17.73 -8.98
N GLU A 156 11.24 17.40 -10.12
CA GLU A 156 12.36 18.20 -10.64
C GLU A 156 11.89 19.51 -11.25
N GLU A 157 10.57 19.69 -11.32
CA GLU A 157 9.97 20.96 -11.69
C GLU A 157 9.77 21.81 -10.45
N LEU A 158 10.13 21.26 -9.29
CA LEU A 158 9.89 21.91 -8.02
C LEU A 158 11.16 22.24 -7.24
N GLY A 159 12.31 22.15 -7.91
CA GLY A 159 13.57 22.50 -7.28
C GLY A 159 14.33 21.28 -6.77
N TRP A 160 13.65 20.15 -6.66
CA TRP A 160 14.30 18.91 -6.30
C TRP A 160 15.17 18.43 -7.45
N ARG A 161 16.23 17.69 -7.12
CA ARG A 161 17.11 17.10 -8.11
C ARG A 161 17.67 15.78 -7.59
N GLY A 162 17.53 14.72 -8.38
CA GLY A 162 18.05 13.42 -7.99
C GLY A 162 19.49 13.22 -8.43
N GLU A 163 20.18 12.30 -7.77
CA GLU A 163 21.57 11.99 -8.10
C GLU A 163 21.65 11.07 -9.31
N ARG A 164 20.49 10.62 -9.78
CA ARG A 164 20.41 9.76 -10.96
C ARG A 164 21.15 8.44 -10.79
N THR A 165 21.09 7.91 -9.56
CA THR A 165 21.44 6.52 -9.30
C THR A 165 20.17 5.73 -9.58
N ASP A 166 20.24 4.40 -9.53
CA ASP A 166 19.07 3.59 -9.79
C ASP A 166 18.15 3.50 -8.57
N PHE A 167 18.61 4.02 -7.44
CA PHE A 167 17.84 3.96 -6.21
C PHE A 167 17.83 5.29 -5.46
N ASP A 168 17.49 6.36 -6.17
CA ASP A 168 17.27 7.66 -5.54
C ASP A 168 15.94 7.63 -4.79
N LEU A 169 15.99 7.91 -3.49
CA LEU A 169 14.76 8.07 -2.72
C LEU A 169 14.05 9.33 -3.19
N LEU A 170 12.81 9.18 -3.65
CA LEU A 170 11.98 10.34 -3.98
C LEU A 170 11.68 11.09 -2.69
N PRO A 171 11.48 12.41 -2.79
CA PRO A 171 11.14 13.15 -1.58
C PRO A 171 9.66 12.99 -1.29
N LEU A 172 9.25 13.22 -0.04
CA LEU A 172 7.82 13.34 0.25
C LEU A 172 7.34 14.59 -0.46
N ILE A 173 6.22 14.49 -1.16
CA ILE A 173 5.66 15.65 -1.84
C ILE A 173 4.14 15.64 -1.73
N PHE A 174 3.62 16.71 -1.14
CA PHE A 174 2.19 16.85 -0.92
C PHE A 174 1.79 18.31 -0.98
N ARG A 175 0.52 18.57 -1.24
CA ARG A 175 0.01 19.93 -1.34
C ARG A 175 -1.09 20.14 -0.31
N MET A 176 -1.06 21.29 0.36
CA MET A 176 -2.03 21.60 1.40
C MET A 176 -3.14 22.47 0.82
N LYS A 177 -4.32 22.43 1.43
CA LYS A 177 -5.45 23.24 0.99
C LYS A 177 -5.10 24.72 1.05
N GLY A 178 -5.31 25.42 -0.05
CA GLY A 178 -5.02 26.85 -0.10
C GLY A 178 -3.81 27.15 -0.97
N ASP A 179 -2.85 26.24 -0.97
CA ASP A 179 -1.62 26.43 -1.74
C ASP A 179 -1.77 25.92 -3.18
N GLU A 180 -1.10 26.60 -4.10
CA GLU A 180 -1.19 26.30 -5.53
C GLU A 180 -0.20 25.20 -5.91
N GLN A 181 0.94 25.16 -5.23
CA GLN A 181 1.98 24.18 -5.50
C GLN A 181 2.26 23.29 -4.29
N PRO A 182 2.68 22.05 -4.53
CA PRO A 182 3.03 21.18 -3.40
C PRO A 182 4.41 21.53 -2.86
N VAL A 183 4.67 21.15 -1.62
CA VAL A 183 6.00 21.27 -1.04
C VAL A 183 6.66 19.90 -1.13
N TRP A 184 7.99 19.86 -1.03
CA TRP A 184 8.67 18.57 -0.94
C TRP A 184 9.68 18.54 0.20
N TYR A 185 9.84 17.38 0.81
CA TYR A 185 10.82 17.19 1.87
C TYR A 185 11.64 15.94 1.59
N GLU A 186 12.96 16.10 1.55
CA GLU A 186 13.86 14.96 1.42
C GLU A 186 13.74 14.09 2.66
N LEU A 187 13.73 12.77 2.46
CA LEU A 187 13.58 11.83 3.58
C LEU A 187 14.86 11.61 4.36
N PRO A 188 14.76 11.64 5.70
CA PRO A 188 15.90 11.28 6.54
C PRO A 188 16.23 9.81 6.31
N ARG A 189 17.48 9.52 5.96
CA ARG A 189 17.87 8.16 5.60
C ARG A 189 17.73 7.19 6.77
N SER A 190 17.92 7.72 7.98
CA SER A 190 17.79 6.92 9.21
C SER A 190 16.36 6.38 9.39
N LEU A 191 15.40 7.00 8.73
CA LEU A 191 14.01 6.55 8.80
C LEU A 191 13.70 5.48 7.76
N VAL A 192 14.60 5.30 6.80
CA VAL A 192 14.37 4.34 5.73
C VAL A 192 15.29 3.13 5.82
N ILE A 193 14.70 1.95 5.99
CA ILE A 193 15.45 0.70 5.91
C ILE A 193 15.47 0.21 4.46
N GLU A 194 16.65 -0.15 3.97
CA GLU A 194 16.78 -0.77 2.65
C GLU A 194 17.41 -2.15 2.82
N VAL A 195 17.05 -3.07 1.94
CA VAL A 195 17.59 -4.43 1.99
C VAL A 195 18.38 -4.75 0.73
N PRO A 196 19.69 -5.00 0.89
CA PRO A 196 20.54 -5.42 -0.23
C PRO A 196 20.26 -6.88 -0.58
N ILE A 197 19.94 -7.15 -1.84
CA ILE A 197 19.55 -8.49 -2.24
C ILE A 197 20.76 -9.40 -2.45
N THR A 198 20.82 -10.48 -1.67
CA THR A 198 21.88 -11.48 -1.80
C THR A 198 21.26 -12.87 -1.91
N HIS A 199 22.03 -13.81 -2.45
CA HIS A 199 21.57 -15.19 -2.59
C HIS A 199 22.17 -16.02 -1.46
N PRO A 200 21.39 -16.99 -0.94
CA PRO A 200 21.89 -17.86 0.14
C PRO A 200 23.07 -18.73 -0.26
N ASP A 201 23.15 -19.14 -1.53
CA ASP A 201 24.21 -20.03 -1.97
C ASP A 201 24.90 -19.63 -3.28
N ILE A 202 24.45 -18.54 -3.90
CA ILE A 202 25.11 -18.00 -5.09
C ILE A 202 25.76 -16.64 -4.77
N GLU A 203 27.05 -16.68 -4.48
CA GLU A 203 27.80 -15.50 -4.01
C GLU A 203 27.93 -14.42 -5.09
N ALA A 204 27.85 -14.82 -6.36
CA ALA A 204 27.95 -13.88 -7.47
C ALA A 204 26.75 -12.93 -7.55
N PHE A 205 25.69 -13.26 -6.82
CA PHE A 205 24.44 -12.51 -6.90
C PHE A 205 24.58 -11.05 -6.43
N SER A 206 25.52 -10.82 -5.53
CA SER A 206 25.76 -9.47 -5.00
C SER A 206 26.35 -8.52 -6.04
N ASP A 207 26.86 -9.08 -7.13
CA ASP A 207 27.44 -8.28 -8.21
C ASP A 207 26.36 -7.51 -8.97
N LEU A 208 25.11 -7.93 -8.81
CA LEU A 208 23.99 -7.24 -9.44
C LEU A 208 23.67 -5.94 -8.70
N GLU A 209 24.11 -5.85 -7.45
CA GLU A 209 23.91 -4.66 -6.62
C GLU A 209 22.43 -4.27 -6.56
N LEU A 210 21.59 -5.26 -6.36
CA LEU A 210 20.17 -5.03 -6.23
C LEU A 210 19.84 -4.70 -4.78
N LYS A 211 18.83 -3.87 -4.58
CA LYS A 211 18.28 -3.63 -3.25
C LYS A 211 16.86 -3.10 -3.37
N TRP A 212 16.13 -3.17 -2.28
CA TRP A 212 14.79 -2.59 -2.23
C TRP A 212 14.55 -1.99 -0.84
N TYR A 213 13.49 -1.19 -0.72
CA TYR A 213 13.15 -0.60 0.58
C TYR A 213 12.33 -1.58 1.40
N GLY A 214 12.42 -1.47 2.72
CA GLY A 214 11.77 -2.42 3.61
C GLY A 214 10.25 -2.33 3.64
N VAL A 215 9.72 -1.12 3.77
CA VAL A 215 8.30 -0.96 4.03
C VAL A 215 7.52 -0.35 2.86
N PRO A 216 6.51 -1.08 2.36
CA PRO A 216 5.63 -0.60 1.30
C PRO A 216 4.48 0.22 1.89
N ILE A 217 4.49 1.54 1.70
CA ILE A 217 3.48 2.40 2.29
C ILE A 217 2.66 3.14 1.21
N ILE A 218 1.55 2.53 0.77
CA ILE A 218 0.69 3.16 -0.24
C ILE A 218 0.08 4.47 0.28
N SER A 219 0.22 5.54 -0.49
CA SER A 219 -0.22 6.86 -0.04
C SER A 219 -1.03 7.66 -1.06
N ASP A 220 -1.50 6.99 -2.12
CA ASP A 220 -2.31 7.68 -3.12
C ASP A 220 -3.74 7.11 -3.26
N MET A 221 -4.17 6.31 -2.30
CA MET A 221 -5.51 5.73 -2.35
C MET A 221 -6.47 6.43 -1.40
N LYS A 222 -7.75 6.41 -1.75
CA LYS A 222 -8.77 7.06 -0.93
C LYS A 222 -9.48 6.06 -0.03
N LEU A 223 -9.35 6.27 1.29
CA LEU A 223 -10.13 5.51 2.26
C LEU A 223 -11.53 6.09 2.35
N GLU A 224 -12.53 5.25 2.14
CA GLU A 224 -13.93 5.67 2.30
C GLU A 224 -14.57 4.92 3.45
N VAL A 225 -15.01 5.66 4.47
CA VAL A 225 -15.65 5.09 5.64
C VAL A 225 -16.92 5.87 5.98
N GLY A 226 -18.07 5.24 5.80
CA GLY A 226 -19.35 5.86 6.09
C GLY A 226 -19.61 7.17 5.36
N GLY A 227 -19.46 7.14 4.03
CA GLY A 227 -19.75 8.32 3.23
C GLY A 227 -18.72 9.43 3.34
N ILE A 228 -17.70 9.22 4.16
CA ILE A 228 -16.65 10.22 4.36
C ILE A 228 -15.38 9.83 3.58
N HIS A 229 -14.78 10.80 2.91
CA HIS A 229 -13.67 10.51 2.00
C HIS A 229 -12.30 10.92 2.54
N TYR A 230 -11.64 9.99 3.21
CA TYR A 230 -10.27 10.21 3.66
C TYR A 230 -9.31 9.99 2.48
N ASN A 231 -9.25 11.00 1.60
CA ASN A 231 -8.41 10.95 0.41
C ASN A 231 -6.94 10.78 0.73
N ALA A 232 -6.54 11.25 1.91
CA ALA A 232 -5.16 11.12 2.37
C ALA A 232 -5.08 10.25 3.62
N ALA A 233 -4.76 8.98 3.41
CA ALA A 233 -4.63 8.02 4.51
C ALA A 233 -3.64 6.92 4.15
N PRO A 234 -2.34 7.24 4.18
CA PRO A 234 -1.34 6.25 3.81
C PRO A 234 -1.33 5.05 4.76
N PHE A 235 -1.29 3.85 4.19
CA PHE A 235 -1.26 2.62 4.96
C PHE A 235 -0.10 1.75 4.52
N ASN A 236 0.23 0.75 5.33
CA ASN A 236 1.30 -0.17 4.98
C ASN A 236 1.06 -1.57 5.53
N GLY A 237 1.65 -2.57 4.88
CA GLY A 237 1.74 -3.90 5.43
C GLY A 237 3.21 -4.27 5.36
N TRP A 238 3.50 -5.57 5.24
CA TRP A 238 4.84 -5.98 4.84
C TRP A 238 4.79 -6.53 3.42
N TYR A 239 5.95 -6.71 2.82
CA TYR A 239 6.03 -7.19 1.45
C TYR A 239 5.75 -8.68 1.33
N MET A 240 5.06 -9.06 0.25
CA MET A 240 5.10 -10.44 -0.20
C MET A 240 6.25 -10.48 -1.19
N GLY A 241 7.11 -11.48 -1.05
CA GLY A 241 8.34 -11.56 -1.82
C GLY A 241 8.18 -11.36 -3.30
N THR A 242 7.06 -11.87 -3.84
CA THR A 242 6.80 -11.80 -5.29
C THR A 242 6.66 -10.37 -5.80
N GLU A 243 6.23 -9.45 -4.94
CA GLU A 243 6.07 -8.06 -5.35
C GLU A 243 7.41 -7.45 -5.74
N ILE A 244 8.47 -7.90 -5.07
CA ILE A 244 9.81 -7.37 -5.31
C ILE A 244 10.54 -8.20 -6.36
N GLY A 245 10.48 -9.53 -6.23
CA GLY A 245 11.24 -10.41 -7.08
C GLY A 245 10.60 -10.75 -8.42
N ALA A 246 9.28 -10.71 -8.49
CA ALA A 246 8.58 -11.12 -9.69
C ALA A 246 8.00 -9.96 -10.49
N ARG A 247 7.90 -8.78 -9.87
CA ARG A 247 7.32 -7.63 -10.55
C ARG A 247 8.25 -6.40 -10.57
N ASN A 248 8.52 -5.83 -9.40
CA ASN A 248 9.34 -4.63 -9.30
C ASN A 248 10.72 -4.78 -9.96
N LEU A 249 11.41 -5.87 -9.65
CA LEU A 249 12.75 -6.10 -10.19
C LEU A 249 12.76 -6.93 -11.47
N ALA A 250 11.61 -7.49 -11.83
CA ALA A 250 11.52 -8.44 -12.94
C ALA A 250 10.89 -7.88 -14.21
N ASP A 251 9.81 -7.11 -14.07
CA ASP A 251 9.08 -6.55 -15.21
C ASP A 251 10.00 -5.82 -16.18
N GLU A 252 9.77 -5.98 -17.48
CA GLU A 252 10.54 -5.27 -18.48
C GLU A 252 10.32 -3.78 -18.37
N LYS A 253 9.12 -3.39 -17.95
CA LYS A 253 8.77 -1.98 -17.79
C LYS A 253 9.11 -1.44 -16.40
N ARG A 254 9.82 -2.26 -15.63
CA ARG A 254 10.39 -1.80 -14.36
C ARG A 254 11.91 -1.98 -14.41
N TYR A 255 12.45 -2.75 -13.46
CA TYR A 255 13.91 -2.89 -13.36
C TYR A 255 14.55 -3.91 -14.33
N ASP A 256 13.74 -4.84 -14.85
CA ASP A 256 14.16 -5.71 -15.96
C ASP A 256 15.48 -6.43 -15.72
N LYS A 257 15.54 -7.24 -14.66
CA LYS A 257 16.81 -7.82 -14.20
C LYS A 257 17.06 -9.28 -14.58
N LEU A 258 16.07 -9.94 -15.20
CA LEU A 258 16.13 -11.39 -15.41
C LEU A 258 17.34 -11.91 -16.19
N LYS A 259 17.74 -11.23 -17.26
CA LYS A 259 18.90 -11.65 -18.03
C LYS A 259 20.18 -11.50 -17.22
N LYS A 260 20.27 -10.44 -16.43
CA LYS A 260 21.40 -10.25 -15.54
C LYS A 260 21.40 -11.31 -14.44
N VAL A 261 20.21 -11.63 -13.94
CA VAL A 261 20.06 -12.72 -12.96
C VAL A 261 20.49 -14.05 -13.57
N ALA A 262 20.04 -14.32 -14.80
CA ALA A 262 20.40 -15.55 -15.49
C ALA A 262 21.91 -15.64 -15.70
N SER A 263 22.56 -14.49 -15.86
CA SER A 263 24.01 -14.46 -16.02
C SER A 263 24.76 -14.81 -14.73
N VAL A 264 24.40 -14.18 -13.62
CA VAL A 264 25.09 -14.43 -12.34
C VAL A 264 24.83 -15.82 -11.76
N ILE A 265 23.72 -16.46 -12.16
CA ILE A 265 23.42 -17.80 -11.66
C ILE A 265 23.94 -18.88 -12.61
N GLY A 266 24.62 -18.45 -13.67
CA GLY A 266 25.35 -19.37 -14.53
C GLY A 266 24.55 -20.16 -15.55
N ILE A 267 23.42 -19.61 -16.00
CA ILE A 267 22.64 -20.25 -17.06
C ILE A 267 22.54 -19.36 -18.30
N ALA A 268 22.18 -19.96 -19.43
CA ALA A 268 22.02 -19.20 -20.68
C ALA A 268 20.63 -18.56 -20.76
N ALA A 269 20.56 -17.38 -21.36
CA ALA A 269 19.29 -16.70 -21.60
C ALA A 269 18.98 -16.70 -23.09
N ASP A 270 19.25 -17.82 -23.75
CA ASP A 270 19.17 -17.89 -25.20
C ASP A 270 17.88 -18.54 -25.71
N TYR A 271 17.46 -19.63 -25.08
CA TYR A 271 16.29 -20.39 -25.57
C TYR A 271 15.12 -20.39 -24.58
N ASN A 272 13.91 -20.22 -25.11
CA ASN A 272 12.70 -20.25 -24.29
C ASN A 272 12.47 -21.61 -23.63
N THR A 273 12.79 -22.66 -24.37
CA THR A 273 12.58 -24.04 -23.92
C THR A 273 13.44 -24.42 -22.72
N ASP A 274 14.46 -23.62 -22.42
CA ASP A 274 15.28 -23.83 -21.24
C ASP A 274 14.60 -23.25 -20.00
N LEU A 275 13.54 -22.47 -20.24
CA LEU A 275 12.81 -21.79 -19.16
C LEU A 275 13.74 -20.96 -18.28
N TRP A 276 14.56 -20.13 -18.92
CA TRP A 276 15.58 -19.37 -18.20
C TRP A 276 14.97 -18.23 -17.38
N LYS A 277 13.88 -17.64 -17.88
CA LYS A 277 13.19 -16.58 -17.14
C LYS A 277 12.56 -17.15 -15.88
N ASP A 278 11.92 -18.30 -16.03
CA ASP A 278 11.25 -18.96 -14.92
C ASP A 278 12.26 -19.35 -13.84
N GLN A 279 13.42 -19.83 -14.26
CA GLN A 279 14.48 -20.23 -13.34
C GLN A 279 15.12 -19.01 -12.67
N ALA A 280 15.26 -17.93 -13.42
CA ALA A 280 15.81 -16.69 -12.88
C ALA A 280 14.84 -16.06 -11.89
N LEU A 281 13.55 -16.14 -12.21
CA LEU A 281 12.50 -15.62 -11.32
C LEU A 281 12.52 -16.30 -9.95
N VAL A 282 12.71 -17.61 -9.94
CA VAL A 282 12.73 -18.37 -8.70
C VAL A 282 13.97 -18.02 -7.86
N GLU A 283 15.14 -18.04 -8.49
CA GLU A 283 16.37 -17.72 -7.77
C GLU A 283 16.38 -16.27 -7.28
N LEU A 284 15.81 -15.36 -8.07
CA LEU A 284 15.69 -13.96 -7.65
C LEU A 284 14.72 -13.83 -6.47
N ASN A 285 13.64 -14.58 -6.53
CA ASN A 285 12.66 -14.55 -5.44
C ASN A 285 13.14 -15.25 -4.16
N LYS A 286 13.97 -16.28 -4.31
CA LYS A 286 14.63 -16.89 -3.17
C LYS A 286 15.58 -15.89 -2.53
N ALA A 287 16.26 -15.11 -3.37
CA ALA A 287 17.21 -14.09 -2.91
C ALA A 287 16.52 -12.98 -2.12
N VAL A 288 15.34 -12.57 -2.56
CA VAL A 288 14.59 -11.49 -1.89
C VAL A 288 14.14 -11.87 -0.48
N LEU A 289 13.47 -13.02 -0.35
CA LEU A 289 13.02 -13.51 0.95
C LEU A 289 14.21 -13.72 1.88
N HIS A 290 15.25 -14.38 1.37
CA HIS A 290 16.45 -14.61 2.15
C HIS A 290 17.08 -13.31 2.63
N SER A 291 17.19 -12.34 1.72
CA SER A 291 17.81 -11.05 2.06
C SER A 291 17.05 -10.29 3.14
N TYR A 292 15.72 -10.36 3.10
CA TYR A 292 14.91 -9.68 4.11
C TYR A 292 15.02 -10.36 5.48
N LYS A 293 14.89 -11.68 5.52
CA LYS A 293 14.96 -12.42 6.77
C LYS A 293 16.35 -12.38 7.39
N LYS A 294 17.37 -12.22 6.53
CA LYS A 294 18.76 -12.12 6.97
C LYS A 294 19.02 -10.78 7.67
N GLN A 295 18.27 -9.76 7.26
CA GLN A 295 18.40 -8.41 7.81
C GLN A 295 17.46 -8.22 9.01
N GLY A 296 16.42 -9.02 9.07
CA GLY A 296 15.44 -8.89 10.13
C GLY A 296 14.30 -7.95 9.77
N VAL A 297 13.97 -7.88 8.48
CA VAL A 297 12.83 -7.11 8.04
C VAL A 297 11.69 -8.05 7.66
N SER A 298 10.48 -7.72 8.12
CA SER A 298 9.31 -8.56 7.88
C SER A 298 9.02 -8.73 6.39
N ILE A 299 8.69 -9.97 6.02
CA ILE A 299 8.35 -10.33 4.65
C ILE A 299 7.61 -11.66 4.69
N VAL A 300 6.76 -11.90 3.70
CA VAL A 300 6.05 -13.18 3.59
C VAL A 300 6.22 -13.74 2.18
N ASP A 301 6.32 -15.06 2.08
CA ASP A 301 6.34 -15.71 0.77
C ASP A 301 4.92 -15.96 0.30
N HIS A 302 4.73 -16.20 -0.99
CA HIS A 302 3.39 -16.34 -1.54
C HIS A 302 2.66 -17.60 -1.05
N HIS A 303 3.42 -18.63 -0.70
CA HIS A 303 2.81 -19.87 -0.19
C HIS A 303 2.22 -19.65 1.20
N THR A 304 3.06 -19.14 2.11
CA THR A 304 2.63 -18.82 3.47
C THR A 304 1.51 -17.79 3.46
N ALA A 305 1.59 -16.84 2.55
CA ALA A 305 0.56 -15.82 2.41
C ALA A 305 -0.77 -16.43 1.98
N ALA A 306 -0.71 -17.38 1.05
CA ALA A 306 -1.90 -18.06 0.56
C ALA A 306 -2.55 -18.92 1.64
N SER A 307 -1.72 -19.55 2.47
CA SER A 307 -2.23 -20.32 3.61
C SER A 307 -3.01 -19.42 4.54
N GLN A 308 -2.41 -18.27 4.85
CA GLN A 308 -3.03 -17.28 5.71
C GLN A 308 -4.34 -16.78 5.14
N PHE A 309 -4.38 -16.56 3.82
CA PHE A 309 -5.58 -16.09 3.16
C PHE A 309 -6.68 -17.14 3.20
N LYS A 310 -6.29 -18.42 3.22
CA LYS A 310 -7.24 -19.51 3.34
C LYS A 310 -7.89 -19.49 4.71
N ARG A 311 -7.08 -19.18 5.74
CA ARG A 311 -7.59 -19.03 7.10
C ARG A 311 -8.56 -17.87 7.18
N PHE A 312 -8.26 -16.81 6.42
CA PHE A 312 -9.14 -15.66 6.33
C PHE A 312 -10.49 -16.05 5.73
N GLU A 313 -10.47 -16.89 4.69
CA GLU A 313 -11.70 -17.42 4.09
C GLU A 313 -12.48 -18.23 5.12
N GLU A 314 -11.78 -19.14 5.81
CA GLU A 314 -12.38 -19.97 6.84
C GLU A 314 -12.98 -19.11 7.95
N GLN A 315 -12.21 -18.14 8.42
CA GLN A 315 -12.66 -17.22 9.46
C GLN A 315 -13.87 -16.39 9.01
N ALA A 316 -13.93 -16.10 7.72
CA ALA A 316 -15.03 -15.33 7.16
C ALA A 316 -16.35 -16.10 7.14
N GLU A 317 -16.32 -17.36 6.71
CA GLU A 317 -17.52 -18.19 6.69
C GLU A 317 -18.04 -18.43 8.12
N GLU A 318 -17.11 -18.64 9.05
CA GLU A 318 -17.43 -18.88 10.45
C GLU A 318 -18.20 -17.71 11.07
N ALA A 319 -17.77 -16.49 10.76
CA ALA A 319 -18.42 -15.29 11.28
C ALA A 319 -19.63 -14.91 10.45
N GLY A 320 -20.02 -15.78 9.52
CA GLY A 320 -21.13 -15.50 8.64
C GLY A 320 -20.86 -14.30 7.77
N ARG A 321 -19.58 -14.06 7.47
CA ARG A 321 -19.20 -12.94 6.62
C ARG A 321 -19.12 -13.36 5.16
N LYS A 322 -19.74 -12.58 4.29
CA LYS A 322 -19.63 -12.80 2.85
C LYS A 322 -18.21 -12.48 2.40
N LEU A 323 -17.56 -13.43 1.73
CA LEU A 323 -16.21 -13.21 1.24
C LEU A 323 -16.21 -12.59 -0.16
N THR A 324 -15.31 -11.64 -0.39
CA THR A 324 -15.14 -11.07 -1.72
C THR A 324 -13.66 -11.03 -2.10
N GLY A 325 -13.36 -11.30 -3.37
CA GLY A 325 -11.98 -11.31 -3.84
C GLY A 325 -11.84 -11.08 -5.34
N ASP A 326 -10.66 -10.58 -5.74
CA ASP A 326 -10.33 -10.42 -7.14
C ASP A 326 -9.32 -11.49 -7.51
N TRP A 327 -9.80 -12.55 -8.17
CA TRP A 327 -8.98 -13.71 -8.54
C TRP A 327 -7.71 -13.29 -9.28
N THR A 328 -7.88 -12.40 -10.26
CA THR A 328 -6.77 -11.94 -11.09
C THR A 328 -5.65 -11.25 -10.29
N TRP A 329 -6.01 -10.70 -9.12
CA TRP A 329 -5.04 -10.01 -8.28
C TRP A 329 -4.61 -10.85 -7.08
N LEU A 330 -5.44 -11.82 -6.71
CA LEU A 330 -5.16 -12.67 -5.58
C LEU A 330 -4.09 -13.73 -5.89
N ILE A 331 -4.14 -14.29 -7.10
CA ILE A 331 -3.12 -15.25 -7.51
C ILE A 331 -1.74 -14.59 -7.62
N PRO A 332 -0.73 -15.21 -7.00
CA PRO A 332 0.66 -14.73 -7.11
C PRO A 332 1.21 -14.95 -8.51
N PRO A 333 2.15 -14.09 -8.94
CA PRO A 333 2.70 -14.21 -10.30
C PRO A 333 3.77 -15.30 -10.39
N ILE A 334 4.03 -15.96 -9.27
CA ILE A 334 4.96 -17.08 -9.23
C ILE A 334 4.23 -18.34 -8.78
N SER A 335 4.20 -19.35 -9.64
CA SER A 335 3.53 -20.62 -9.36
C SER A 335 2.13 -20.48 -8.77
N PRO A 336 1.23 -19.77 -9.47
CA PRO A 336 -0.09 -19.55 -8.86
C PRO A 336 -0.88 -20.83 -8.69
N ALA A 337 -0.61 -21.84 -9.51
CA ALA A 337 -1.34 -23.10 -9.45
C ALA A 337 -0.95 -23.99 -8.25
N ALA A 338 0.04 -23.55 -7.49
CA ALA A 338 0.45 -24.28 -6.29
C ALA A 338 -0.23 -23.70 -5.05
N THR A 339 -1.16 -22.77 -5.26
CA THR A 339 -1.95 -22.19 -4.18
C THR A 339 -3.40 -22.54 -4.39
N HIS A 340 -4.16 -22.63 -3.30
CA HIS A 340 -5.58 -22.96 -3.36
C HIS A 340 -6.37 -21.88 -4.10
N ILE A 341 -5.84 -20.66 -4.06
CA ILE A 341 -6.49 -19.50 -4.66
C ILE A 341 -6.80 -19.75 -6.13
N PHE A 342 -5.81 -20.29 -6.85
CA PHE A 342 -5.93 -20.59 -8.26
C PHE A 342 -7.12 -21.50 -8.56
N HIS A 343 -7.36 -22.47 -7.70
CA HIS A 343 -8.33 -23.54 -7.99
C HIS A 343 -9.73 -23.27 -7.47
N ARG A 344 -9.98 -22.04 -7.01
CA ARG A 344 -11.33 -21.63 -6.65
C ARG A 344 -11.63 -20.23 -7.17
N SER A 345 -12.90 -19.84 -7.13
CA SER A 345 -13.30 -18.52 -7.61
C SER A 345 -13.76 -17.62 -6.47
N TYR A 346 -13.75 -16.32 -6.73
CA TYR A 346 -14.15 -15.34 -5.72
C TYR A 346 -15.13 -14.33 -6.33
N ASP A 347 -15.94 -13.72 -5.47
CA ASP A 347 -16.89 -12.72 -5.90
C ASP A 347 -16.27 -11.32 -5.85
N ASN A 348 -16.04 -10.72 -7.02
CA ASN A 348 -15.35 -9.43 -7.07
C ASN A 348 -16.26 -8.24 -6.71
N SER A 349 -17.27 -8.48 -5.88
CA SER A 349 -18.17 -7.42 -5.46
C SER A 349 -17.49 -6.43 -4.51
N ILE A 350 -17.76 -5.14 -4.72
CA ILE A 350 -17.18 -4.09 -3.88
C ILE A 350 -18.09 -3.76 -2.69
N VAL A 351 -17.60 -4.04 -1.48
CA VAL A 351 -18.32 -3.72 -0.26
C VAL A 351 -17.57 -2.63 0.49
N LYS A 352 -18.30 -1.64 0.99
CA LYS A 352 -17.72 -0.55 1.76
C LYS A 352 -17.85 -0.84 3.26
N PRO A 353 -16.92 -0.32 4.09
CA PRO A 353 -15.78 0.56 3.79
C PRO A 353 -14.72 -0.10 2.92
N ASN A 354 -13.94 0.71 2.21
CA ASN A 354 -12.92 0.18 1.30
C ASN A 354 -11.87 1.22 0.92
N TYR A 355 -10.85 0.77 0.18
CA TYR A 355 -9.83 1.68 -0.36
C TYR A 355 -10.01 1.78 -1.86
N PHE A 356 -9.94 3.00 -2.38
CA PHE A 356 -10.20 3.20 -3.80
C PHE A 356 -9.09 3.95 -4.51
N TYR A 357 -9.03 3.79 -5.82
CA TYR A 357 -8.15 4.60 -6.65
C TYR A 357 -8.73 6.00 -6.70
N GLN A 358 -7.85 7.00 -6.76
CA GLN A 358 -8.27 8.36 -7.01
C GLN A 358 -7.32 8.94 -8.06
N ASP A 359 -7.77 9.96 -8.77
CA ASP A 359 -6.97 10.55 -9.84
C ASP A 359 -5.71 11.24 -9.32
N LYS A 360 -4.59 10.97 -9.97
CA LYS A 360 -3.32 11.60 -9.64
C LYS A 360 -3.41 13.10 -9.93
N PRO A 361 -2.66 13.91 -9.16
CA PRO A 361 -2.62 15.36 -9.39
C PRO A 361 -1.60 15.76 -10.45
N TYR A 362 -0.45 15.08 -10.48
CA TYR A 362 0.54 15.29 -11.54
C TYR A 362 0.09 14.55 -12.81
N GLU A 363 0.90 14.65 -13.87
CA GLU A 363 0.57 14.11 -15.20
C GLU A 363 -0.86 14.43 -15.67
CHA HEM B . -3.26 -5.39 -2.56
CHB HEM B . -0.44 -8.18 0.22
CHC HEM B . -1.60 -5.44 4.07
CHD HEM B . -4.83 -3.04 1.38
C1A HEM B . -2.33 -6.26 -2.10
C2A HEM B . -1.43 -6.94 -2.96
C3A HEM B . -0.64 -7.72 -2.18
C4A HEM B . -1.04 -7.54 -0.85
CMA HEM B . 0.45 -8.62 -2.68
CAA HEM B . -1.35 -6.85 -4.46
CBA HEM B . -0.43 -5.68 -4.82
CGA HEM B . -0.08 -5.68 -6.29
O1A HEM B . -0.20 -6.73 -6.96
O2A HEM B . 0.35 -4.65 -6.84
C1B HEM B . -0.49 -7.61 1.49
C2B HEM B . 0.35 -8.03 2.55
C3B HEM B . 0.05 -7.30 3.65
C4B HEM B . -1.03 -6.38 3.22
CMB HEM B . 1.40 -9.12 2.47
CAB HEM B . 0.72 -7.43 4.97
CBB HEM B . 0.12 -7.16 6.14
C1C HEM B . -2.53 -4.48 3.68
C2C HEM B . -2.97 -3.39 4.43
C3C HEM B . -3.91 -2.70 3.68
C4C HEM B . -4.02 -3.40 2.44
CMC HEM B . -2.51 -3.04 5.83
CAC HEM B . -4.64 -1.47 4.07
CBC HEM B . -5.31 -1.34 5.22
C1D HEM B . -4.59 -3.49 0.08
C2D HEM B . -5.24 -2.86 -1.06
C3D HEM B . -4.81 -3.49 -2.15
C4D HEM B . -3.89 -4.54 -1.68
CMD HEM B . -6.21 -1.69 -1.05
CAD HEM B . -5.22 -3.20 -3.57
CBD HEM B . -4.28 -2.21 -4.25
CGD HEM B . -4.76 -1.95 -5.65
O1D HEM B . -3.94 -1.74 -6.57
O2D HEM B . -5.99 -1.95 -5.89
NA HEM B . -2.07 -6.62 -0.79
NB HEM B . -1.28 -6.61 1.90
NC HEM B . -3.18 -4.47 2.48
ND HEM B . -3.76 -4.47 -0.34
FE HEM B . -2.78 -5.60 0.79
N1 H4B C . -2.16 -8.91 -10.20
C2 H4B C . -1.45 -8.12 -9.35
N2 H4B C . -1.17 -8.61 -8.11
N3 H4B C . -1.02 -6.89 -9.68
C4 H4B C . -1.25 -6.35 -10.89
O4 H4B C . -0.84 -5.20 -11.16
C4A H4B C . -2.02 -7.14 -11.87
C8A H4B C . -2.47 -8.48 -11.45
N5 H4B C . -2.34 -6.70 -13.12
N8 H4B C . -3.17 -9.26 -12.30
C6 H4B C . -3.51 -7.31 -13.72
C7 H4B C . -3.34 -8.82 -13.67
C9 H4B C . -3.77 -6.80 -15.14
O9 H4B C . -2.62 -6.98 -15.96
C10 H4B C . -4.96 -7.51 -15.77
C11 H4B C . -5.46 -6.78 -17.01
O10 H4B C . -6.03 -7.60 -14.83
CL CL D . 5.94 -2.10 -4.47
N01 XEB E . 1.47 -4.41 -0.94
C02 XEB E . 1.61 -4.82 0.35
N02 XEB E . 2.60 -5.68 0.67
C03 XEB E . 0.74 -4.35 1.33
C04 XEB E . -0.28 -3.47 0.97
C05 XEB E . -0.40 -3.07 -0.36
C06 XEB E . -1.40 -2.20 -0.73
C07 XEB E . -1.52 -1.81 -2.06
C08 XEB E . -0.61 -2.28 -3.01
C09 XEB E . 0.39 -3.16 -2.64
C10 XEB E . 0.50 -3.56 -1.31
C11 XEB E . -0.76 -1.83 -4.45
O12 XEB E . -1.25 -0.50 -4.36
C21 XEB E . -1.54 0.27 -5.46
C22 XEB E . -2.15 1.51 -5.26
C23 XEB E . -2.46 2.31 -6.35
C24 XEB E . -2.15 1.88 -7.64
C25 XEB E . -1.54 0.66 -7.84
C26 XEB E . -1.24 -0.15 -6.75
CL XEB E . -2.57 2.95 -9.03
C28 XEB E . -1.21 0.20 -9.25
N29 XEB E . -0.17 -0.84 -9.24
C30 XEB E . 0.22 -1.19 -10.61
C1 GOL F . 6.42 -11.02 8.86
O1 GOL F . 7.58 -11.72 8.38
C2 GOL F . 5.33 -11.99 9.25
O2 GOL F . 5.78 -12.77 10.37
C3 GOL F . 5.02 -12.90 8.06
O3 GOL F . 3.70 -13.46 8.18
#